data_4IDX
#
_entry.id   4IDX
#
_cell.length_a   159.200
_cell.length_b   159.200
_cell.length_c   157.800
_cell.angle_alpha   90.00
_cell.angle_beta   90.00
_cell.angle_gamma   90.00
#
_symmetry.space_group_name_H-M   'I 4 2 2'
#
loop_
_entity.id
_entity.type
_entity.pdbx_description
1 polymer 'Nucleocapsid protein'
2 water water
#
_entity_poly.entity_id   1
_entity_poly.type   'polypeptide(L)'
_entity_poly.pdbx_seq_one_letter_code
;MSSQFIFEDVPQRNAATFNPEVGYVAFIGKYGQQLNFGVARVFFLNQKKAKMVLHKTAQPSVDLTFGGVKFTVVNNHFPQ
YVSNPVPDNAITLHRMSGYLARWIADTCKASVLKLAEASAQIVMPLAEVKGCTWADGYTMYLGFAPGAEMFLDAFDFYPL
VIEMHRVLKDNMDVNFMKKVLRQRYGTMTAEEWMTQKITEIKAAFNSVGQLAWAKSGFSPAARTFLQQFGINI
;
_entity_poly.pdbx_strand_id   B,A,C
#
# COMPACT_ATOMS: atom_id res chain seq x y z
N THR A 17 -22.96 -8.33 3.76
CA THR A 17 -22.51 -7.16 4.57
C THR A 17 -20.99 -7.12 4.74
N PHE A 18 -20.36 -8.30 4.69
CA PHE A 18 -18.90 -8.43 4.85
C PHE A 18 -18.11 -7.53 3.90
N ASN A 19 -17.20 -6.76 4.47
CA ASN A 19 -16.35 -5.84 3.70
C ASN A 19 -14.92 -6.38 3.62
N PRO A 20 -14.58 -7.02 2.48
CA PRO A 20 -13.28 -7.69 2.28
C PRO A 20 -12.09 -6.78 2.49
N GLU A 21 -12.30 -5.48 2.32
CA GLU A 21 -11.24 -4.50 2.53
C GLU A 21 -11.03 -4.20 4.02
N VAL A 22 -12.13 -4.16 4.76
CA VAL A 22 -12.08 -3.87 6.20
C VAL A 22 -11.51 -5.05 7.00
N GLY A 23 -11.88 -6.27 6.63
CA GLY A 23 -11.36 -7.49 7.26
C GLY A 23 -9.84 -7.58 7.31
N TYR A 24 -9.18 -7.23 6.20
CA TYR A 24 -7.72 -7.17 6.13
C TYR A 24 -7.15 -6.15 7.10
N VAL A 25 -7.78 -4.97 7.14
CA VAL A 25 -7.38 -3.91 8.07
C VAL A 25 -7.55 -4.47 9.48
N ALA A 26 -8.69 -5.09 9.72
CA ALA A 26 -8.96 -5.76 11.00
C ALA A 26 -7.97 -6.90 11.26
N PHE A 27 -7.56 -7.60 10.20
CA PHE A 27 -6.59 -8.69 10.30
C PHE A 27 -5.22 -8.18 10.73
N ILE A 28 -4.69 -7.21 10.00
CA ILE A 28 -3.42 -6.59 10.36
C ILE A 28 -3.59 -5.90 11.72
N GLY A 29 -4.83 -5.51 12.00
CA GLY A 29 -5.18 -4.90 13.28
C GLY A 29 -4.82 -5.76 14.48
N LYS A 30 -4.94 -7.08 14.30
CA LYS A 30 -4.68 -8.05 15.35
C LYS A 30 -3.27 -8.66 15.27
N TYR A 31 -3.03 -9.49 14.27
CA TYR A 31 -1.75 -10.20 14.15
C TYR A 31 -0.66 -9.35 13.53
N GLY A 32 -1.04 -8.46 12.62
CA GLY A 32 -0.11 -7.60 11.89
C GLY A 32 0.76 -6.69 12.73
N GLN A 33 1.36 -7.29 13.75
CA GLN A 33 2.49 -6.78 14.50
C GLN A 33 3.45 -7.95 14.78
N GLN A 34 3.00 -9.16 14.42
CA GLN A 34 3.75 -10.42 14.57
C GLN A 34 4.16 -11.06 13.24
N LEU A 35 3.60 -10.55 12.15
CA LEU A 35 3.81 -11.13 10.82
C LEU A 35 5.19 -10.81 10.27
N ASN A 36 5.88 -11.86 9.85
CA ASN A 36 7.13 -11.75 9.13
C ASN A 36 7.15 -12.81 8.02
N PHE A 37 8.07 -12.70 7.07
CA PHE A 37 8.11 -13.63 5.93
C PHE A 37 8.29 -15.09 6.33
N GLY A 38 8.92 -15.33 7.48
CA GLY A 38 9.12 -16.68 8.02
C GLY A 38 7.85 -17.44 8.33
N VAL A 39 6.87 -16.75 8.94
CA VAL A 39 5.57 -17.37 9.24
C VAL A 39 4.69 -17.48 8.00
N ALA A 40 4.91 -16.57 7.05
CA ALA A 40 4.25 -16.61 5.74
C ALA A 40 4.79 -17.77 4.91
N ARG A 41 6.06 -18.11 5.13
CA ARG A 41 6.68 -19.24 4.46
C ARG A 41 6.08 -20.56 4.92
N VAL A 42 5.87 -20.72 6.22
CA VAL A 42 5.32 -21.96 6.76
C VAL A 42 3.84 -22.14 6.41
N PHE A 43 3.05 -21.07 6.53
CA PHE A 43 1.60 -21.16 6.26
C PHE A 43 1.29 -21.69 4.86
N PHE A 44 1.88 -21.06 3.85
CA PHE A 44 1.55 -21.40 2.46
C PHE A 44 2.01 -22.81 2.10
N LEU A 45 3.10 -23.25 2.71
CA LEU A 45 3.60 -24.61 2.50
C LEU A 45 2.80 -25.66 3.27
N ASN A 46 2.05 -25.23 4.28
CA ASN A 46 1.27 -26.17 5.10
C ASN A 46 -0.23 -25.85 5.22
N GLN A 47 -0.75 -25.09 4.25
CA GLN A 47 -2.16 -24.73 4.22
C GLN A 47 -3.04 -25.96 4.05
N LYS A 48 -2.75 -26.77 3.05
CA LYS A 48 -3.54 -27.97 2.78
C LYS A 48 -3.56 -28.88 4.02
N LYS A 49 -2.40 -29.04 4.66
CA LYS A 49 -2.31 -29.73 5.94
C LYS A 49 -3.28 -29.14 6.94
N ALA A 50 -3.32 -27.81 7.03
CA ALA A 50 -4.26 -27.13 7.92
C ALA A 50 -5.71 -27.35 7.47
N LYS A 51 -5.95 -27.38 6.16
CA LYS A 51 -7.29 -27.67 5.65
C LYS A 51 -7.74 -29.08 6.06
N MET A 52 -6.80 -30.01 6.08
CA MET A 52 -7.09 -31.39 6.49
C MET A 52 -7.30 -31.56 7.99
N VAL A 53 -6.43 -30.95 8.81
CA VAL A 53 -6.57 -30.99 10.26
C VAL A 53 -7.90 -30.35 10.67
N LEU A 54 -8.27 -29.28 9.98
CA LEU A 54 -9.55 -28.63 10.20
C LEU A 54 -10.72 -29.50 9.75
N HIS A 55 -10.48 -30.34 8.74
CA HIS A 55 -11.51 -31.22 8.21
C HIS A 55 -11.84 -32.33 9.17
N LYS A 56 -10.82 -32.79 9.90
CA LYS A 56 -11.01 -33.88 10.86
C LYS A 56 -11.30 -33.41 12.28
N THR A 57 -10.79 -32.23 12.65
CA THR A 57 -11.11 -31.66 13.97
C THR A 57 -12.60 -31.28 14.02
N ALA A 58 -13.16 -31.19 15.22
CA ALA A 58 -14.59 -30.90 15.38
C ALA A 58 -14.89 -29.75 16.33
N GLN A 59 -14.08 -28.70 16.25
CA GLN A 59 -14.32 -27.49 17.03
C GLN A 59 -14.57 -26.31 16.09
N PRO A 60 -15.79 -25.76 16.09
CA PRO A 60 -16.14 -24.67 15.18
C PRO A 60 -15.11 -23.53 15.20
N SER A 61 -14.40 -23.41 16.32
CA SER A 61 -13.25 -22.52 16.44
C SER A 61 -12.01 -23.34 16.76
N VAL A 62 -10.90 -23.05 16.09
CA VAL A 62 -9.63 -23.80 16.27
C VAL A 62 -8.39 -22.91 16.24
N ASP A 63 -7.58 -22.98 17.30
CA ASP A 63 -6.30 -22.26 17.34
C ASP A 63 -5.24 -22.99 16.53
N LEU A 64 -4.73 -22.32 15.50
CA LEU A 64 -3.66 -22.83 14.68
C LEU A 64 -2.41 -21.99 14.85
N THR A 65 -1.25 -22.64 14.84
CA THR A 65 0.01 -21.95 15.07
C THR A 65 0.99 -22.19 13.93
N PHE A 66 1.20 -21.17 13.12
CA PHE A 66 2.14 -21.19 12.00
C PHE A 66 3.41 -20.39 12.34
N GLY A 67 4.45 -21.09 12.76
CA GLY A 67 5.76 -20.48 13.05
C GLY A 67 5.79 -19.46 14.18
N GLY A 68 5.17 -19.80 15.30
CA GLY A 68 5.08 -18.90 16.46
C GLY A 68 3.67 -18.39 16.63
N VAL A 69 3.17 -17.68 15.62
CA VAL A 69 1.78 -17.26 15.58
C VAL A 69 0.93 -18.45 15.14
N LYS A 70 -0.27 -18.66 15.70
CA LYS A 70 -0.84 -18.00 16.85
C LYS A 70 -2.32 -17.74 16.59
N PHE A 71 -2.75 -18.00 15.35
CA PHE A 71 -4.06 -17.65 14.81
C PHE A 71 -5.26 -18.44 15.38
N THR A 72 -6.36 -17.72 15.60
CA THR A 72 -7.65 -18.36 15.91
C THR A 72 -8.50 -18.35 14.66
N VAL A 73 -8.91 -19.53 14.20
CA VAL A 73 -9.59 -19.66 12.91
C VAL A 73 -10.93 -20.40 13.00
N VAL A 74 -11.93 -19.88 12.28
CA VAL A 74 -13.22 -20.53 12.16
C VAL A 74 -13.09 -21.78 11.29
N ASN A 75 -13.54 -22.92 11.83
CA ASN A 75 -13.50 -24.18 11.11
C ASN A 75 -14.77 -24.38 10.29
N ASN A 76 -14.67 -24.17 8.98
CA ASN A 76 -15.77 -24.48 8.07
C ASN A 76 -15.48 -25.69 7.18
N HIS A 77 -14.51 -26.50 7.58
CA HIS A 77 -14.09 -27.66 6.80
C HIS A 77 -14.66 -28.94 7.31
N PHE A 78 -14.86 -29.01 8.63
CA PHE A 78 -15.59 -30.12 9.23
C PHE A 78 -16.92 -30.26 8.49
N PRO A 79 -17.20 -31.47 7.98
CA PRO A 79 -18.35 -31.70 7.12
C PRO A 79 -19.67 -31.07 7.53
N GLN A 80 -19.80 -30.68 8.80
CA GLN A 80 -21.03 -30.08 9.32
C GLN A 80 -20.91 -28.58 9.60
N TYR A 81 -19.85 -27.97 9.08
CA TYR A 81 -19.70 -26.51 9.13
C TYR A 81 -19.53 -25.92 7.73
N VAL A 82 -19.47 -26.81 6.73
CA VAL A 82 -19.26 -26.46 5.31
C VAL A 82 -20.23 -25.36 4.85
N SER A 83 -21.41 -25.32 5.46
CA SER A 83 -22.34 -24.22 5.27
C SER A 83 -22.83 -23.69 6.61
N ASN A 84 -21.96 -22.97 7.30
CA ASN A 84 -22.34 -22.21 8.48
C ASN A 84 -22.54 -20.75 8.12
N PRO A 85 -23.23 -19.99 8.99
CA PRO A 85 -23.05 -18.55 8.90
C PRO A 85 -21.63 -18.21 9.34
N VAL A 86 -20.93 -17.43 8.53
CA VAL A 86 -19.57 -17.02 8.83
C VAL A 86 -19.60 -15.55 9.19
N PRO A 87 -19.31 -15.21 10.46
CA PRO A 87 -19.22 -13.81 10.87
C PRO A 87 -18.21 -13.05 10.02
N ASP A 88 -18.56 -11.81 9.68
CA ASP A 88 -17.76 -10.97 8.76
C ASP A 88 -16.29 -10.91 9.15
N ASN A 89 -16.00 -10.37 10.34
CA ASN A 89 -14.62 -10.15 10.78
C ASN A 89 -14.00 -11.35 11.51
N ALA A 90 -14.45 -12.54 11.14
CA ALA A 90 -13.88 -13.80 11.62
C ALA A 90 -12.94 -14.39 10.58
N ILE A 91 -11.66 -14.49 10.94
CA ILE A 91 -10.63 -14.97 10.02
C ILE A 91 -10.72 -16.48 9.75
N THR A 92 -11.21 -16.83 8.56
CA THR A 92 -11.26 -18.22 8.12
C THR A 92 -9.91 -18.59 7.52
N LEU A 93 -9.75 -19.88 7.19
CA LEU A 93 -8.50 -20.38 6.60
C LEU A 93 -8.23 -19.84 5.18
N HIS A 94 -9.29 -19.64 4.41
CA HIS A 94 -9.18 -19.04 3.09
C HIS A 94 -8.91 -17.57 3.21
N ARG A 95 -9.78 -16.87 3.94
CA ARG A 95 -9.61 -15.44 4.20
C ARG A 95 -8.20 -15.08 4.72
N MET A 96 -7.66 -15.92 5.58
CA MET A 96 -6.31 -15.72 6.10
C MET A 96 -5.26 -15.71 4.98
N SER A 97 -5.40 -16.64 4.04
CA SER A 97 -4.46 -16.75 2.92
C SER A 97 -4.50 -15.48 2.08
N GLY A 98 -5.72 -15.02 1.77
CA GLY A 98 -5.91 -13.73 1.13
C GLY A 98 -5.21 -12.59 1.82
N TYR A 99 -5.31 -12.55 3.16
CA TYR A 99 -4.69 -11.50 3.95
C TYR A 99 -3.17 -11.61 4.03
N LEU A 100 -2.69 -12.86 4.05
CA LEU A 100 -1.26 -13.13 4.03
C LEU A 100 -0.71 -12.85 2.64
N ALA A 101 -1.56 -12.95 1.64
CA ALA A 101 -1.16 -12.65 0.28
C ALA A 101 -1.09 -11.15 0.09
N ARG A 102 -2.15 -10.47 0.53
CA ARG A 102 -2.24 -9.02 0.42
C ARG A 102 -1.19 -8.32 1.26
N TRP A 103 -0.69 -9.01 2.30
CA TRP A 103 0.32 -8.39 3.16
C TRP A 103 1.68 -8.40 2.50
N ILE A 104 2.05 -9.55 1.95
CA ILE A 104 3.31 -9.69 1.23
C ILE A 104 3.37 -8.67 0.10
N ALA A 105 2.30 -8.61 -0.69
CA ALA A 105 2.20 -7.63 -1.76
C ALA A 105 2.67 -6.26 -1.26
N ASP A 106 2.02 -5.76 -0.19
CA ASP A 106 2.33 -4.45 0.40
C ASP A 106 3.81 -4.23 0.72
N THR A 107 4.43 -5.22 1.36
CA THR A 107 5.85 -5.14 1.71
C THR A 107 6.76 -5.20 0.48
N CYS A 108 6.18 -5.62 -0.65
CA CYS A 108 6.91 -5.65 -1.92
C CYS A 108 6.61 -4.41 -2.77
N LYS A 109 5.42 -3.84 -2.60
CA LYS A 109 5.07 -2.58 -3.24
C LYS A 109 5.94 -1.48 -2.67
N ALA A 110 6.19 -1.56 -1.36
CA ALA A 110 7.03 -0.53 -0.63
C ALA A 110 8.56 -0.35 -0.53
N SER A 111 9.31 -1.40 -0.17
CA SER A 111 10.76 -1.32 -0.01
C SER A 111 11.09 -2.53 -0.82
N VAL A 112 11.87 -2.32 -1.87
CA VAL A 112 12.23 -3.38 -2.84
C VAL A 112 13.21 -4.39 -2.24
N LEU A 113 13.92 -3.97 -1.19
CA LEU A 113 14.85 -4.85 -0.49
C LEU A 113 14.09 -5.97 0.22
N LYS A 114 12.82 -5.73 0.50
CA LYS A 114 11.95 -6.71 1.16
C LYS A 114 11.47 -7.77 0.16
N LEU A 115 11.13 -7.34 -1.04
CA LEU A 115 10.71 -8.24 -2.12
C LEU A 115 11.78 -9.27 -2.47
N ALA A 116 13.04 -8.82 -2.56
CA ALA A 116 14.18 -9.71 -2.83
C ALA A 116 14.47 -10.64 -1.65
N GLU A 117 14.03 -10.21 -0.47
CA GLU A 117 14.06 -11.01 0.75
C GLU A 117 12.89 -11.99 0.75
N ALA A 118 11.72 -11.50 0.33
CA ALA A 118 10.49 -12.29 0.21
C ALA A 118 10.66 -13.44 -0.78
N SER A 119 11.41 -13.17 -1.85
CA SER A 119 11.71 -14.13 -2.92
C SER A 119 12.43 -15.36 -2.39
N ALA A 120 13.45 -15.11 -1.58
CA ALA A 120 14.33 -16.14 -1.04
C ALA A 120 13.59 -17.23 -0.25
N GLN A 121 12.71 -16.80 0.64
CA GLN A 121 12.07 -17.68 1.63
C GLN A 121 10.75 -18.27 1.16
N ILE A 122 9.79 -17.39 0.91
CA ILE A 122 8.41 -17.78 0.60
C ILE A 122 8.31 -18.57 -0.70
N VAL A 123 7.41 -19.54 -0.71
CA VAL A 123 7.15 -20.35 -1.89
C VAL A 123 5.66 -20.64 -2.02
N MET A 124 5.09 -20.21 -3.15
CA MET A 124 3.68 -20.40 -3.45
C MET A 124 3.53 -21.69 -4.25
N PRO A 125 3.14 -22.80 -3.60
CA PRO A 125 3.15 -24.08 -4.29
C PRO A 125 2.16 -24.14 -5.45
N LEU A 126 1.04 -23.42 -5.33
CA LEU A 126 0.03 -23.35 -6.39
C LEU A 126 0.52 -22.57 -7.61
N ALA A 127 1.58 -21.80 -7.40
CA ALA A 127 2.28 -21.13 -8.49
C ALA A 127 3.39 -21.99 -9.08
N GLU A 128 4.11 -22.73 -8.22
CA GLU A 128 5.22 -23.58 -8.64
C GLU A 128 4.73 -24.64 -9.60
N VAL A 129 3.71 -25.39 -9.18
CA VAL A 129 2.92 -26.22 -10.09
C VAL A 129 2.18 -25.22 -10.97
N LYS A 130 2.17 -25.46 -12.27
CA LYS A 130 1.67 -24.49 -13.23
C LYS A 130 2.86 -23.70 -13.77
N GLY A 131 3.93 -23.64 -12.98
CA GLY A 131 5.18 -22.97 -13.37
C GLY A 131 5.15 -21.46 -13.44
N CYS A 132 5.06 -20.80 -12.28
CA CYS A 132 5.04 -19.34 -12.25
C CYS A 132 6.38 -18.73 -11.84
N THR A 133 6.80 -18.93 -10.59
CA THR A 133 8.03 -18.32 -10.03
C THR A 133 7.85 -16.83 -9.77
N TRP A 134 8.72 -16.25 -8.95
CA TRP A 134 8.72 -14.81 -8.72
C TRP A 134 9.23 -14.08 -9.93
N ALA A 135 9.96 -14.80 -10.76
CA ALA A 135 10.54 -14.26 -12.00
C ALA A 135 9.54 -13.51 -12.90
N ASP A 136 8.24 -13.74 -12.71
CA ASP A 136 7.22 -13.16 -13.58
C ASP A 136 6.37 -12.10 -12.87
N GLY A 137 6.87 -11.60 -11.75
CA GLY A 137 6.16 -10.56 -11.01
C GLY A 137 5.33 -11.11 -9.87
N TYR A 138 5.50 -10.50 -8.70
CA TYR A 138 4.84 -10.93 -7.46
C TYR A 138 3.31 -10.84 -7.50
N THR A 139 2.76 -9.90 -8.28
CA THR A 139 1.31 -9.80 -8.46
C THR A 139 0.76 -11.09 -9.05
N MET A 140 1.44 -11.61 -10.07
CA MET A 140 1.05 -12.88 -10.65
C MET A 140 1.37 -14.00 -9.68
N TYR A 141 2.60 -14.04 -9.18
CA TYR A 141 3.06 -15.13 -8.31
C TYR A 141 2.24 -15.31 -7.03
N LEU A 142 2.11 -14.22 -6.26
CA LEU A 142 1.29 -14.26 -5.04
C LEU A 142 -0.20 -14.37 -5.36
N GLY A 143 -0.56 -14.11 -6.61
CA GLY A 143 -1.94 -14.22 -7.08
C GLY A 143 -2.52 -15.63 -7.13
N PHE A 144 -1.64 -16.63 -7.12
CA PHE A 144 -2.08 -18.03 -7.12
C PHE A 144 -2.59 -18.46 -5.75
N ALA A 145 -2.36 -17.62 -4.75
CA ALA A 145 -2.84 -17.86 -3.38
C ALA A 145 -4.36 -17.78 -3.33
N PRO A 146 -5.00 -18.76 -2.67
CA PRO A 146 -6.46 -18.70 -2.51
C PRO A 146 -6.84 -17.56 -1.57
N GLY A 147 -7.81 -16.76 -1.99
CA GLY A 147 -8.23 -15.60 -1.21
C GLY A 147 -7.75 -14.28 -1.77
N ALA A 148 -6.80 -14.33 -2.71
CA ALA A 148 -6.27 -13.11 -3.33
C ALA A 148 -7.32 -12.43 -4.21
N GLU A 149 -8.42 -13.14 -4.45
CA GLU A 149 -9.53 -12.59 -5.21
C GLU A 149 -10.21 -11.46 -4.43
N MET A 150 -10.20 -11.57 -3.11
CA MET A 150 -10.77 -10.53 -2.26
C MET A 150 -10.11 -9.19 -2.56
N PHE A 151 -8.95 -9.26 -3.21
CA PHE A 151 -8.21 -8.07 -3.58
C PHE A 151 -7.74 -8.13 -5.05
N LEU A 152 -8.72 -8.03 -5.96
CA LEU A 152 -8.44 -8.00 -7.40
C LEU A 152 -7.68 -6.74 -7.82
N ASP A 153 -7.92 -5.64 -7.11
CA ASP A 153 -7.26 -4.37 -7.41
C ASP A 153 -5.79 -4.39 -7.01
N ALA A 154 -5.48 -5.11 -5.94
CA ALA A 154 -4.12 -5.19 -5.43
C ALA A 154 -3.29 -6.12 -6.30
N PHE A 155 -3.94 -7.14 -6.85
CA PHE A 155 -3.27 -8.18 -7.60
C PHE A 155 -3.60 -8.14 -9.09
N ASP A 156 -3.86 -6.94 -9.60
CA ASP A 156 -3.97 -6.71 -11.04
C ASP A 156 -4.89 -7.71 -11.76
N PHE A 157 -5.97 -8.12 -11.11
CA PHE A 157 -6.93 -9.04 -11.70
C PHE A 157 -6.42 -10.47 -11.90
N TYR A 158 -5.20 -10.75 -11.42
CA TYR A 158 -4.61 -12.10 -11.55
C TYR A 158 -5.43 -13.25 -10.96
N PRO A 159 -6.15 -13.05 -9.85
CA PRO A 159 -7.00 -14.16 -9.44
C PRO A 159 -8.16 -14.45 -10.40
N LEU A 160 -8.76 -13.42 -10.99
CA LEU A 160 -9.86 -13.64 -11.93
C LEU A 160 -9.34 -14.34 -13.19
N VAL A 161 -8.15 -13.95 -13.61
CA VAL A 161 -7.52 -14.52 -14.81
C VAL A 161 -6.93 -15.91 -14.55
N ILE A 162 -6.41 -16.12 -13.34
CA ILE A 162 -5.75 -17.39 -13.01
C ILE A 162 -6.75 -18.55 -13.00
N GLU A 163 -7.96 -18.28 -12.53
CA GLU A 163 -8.97 -19.33 -12.42
C GLU A 163 -9.67 -19.54 -13.75
N MET A 164 -9.58 -18.53 -14.62
CA MET A 164 -10.15 -18.61 -15.96
C MET A 164 -9.36 -19.59 -16.82
N HIS A 165 -8.04 -19.56 -16.67
CA HIS A 165 -7.18 -20.48 -17.40
C HIS A 165 -7.42 -21.89 -16.97
N ARG A 166 -7.51 -22.09 -15.66
CA ARG A 166 -7.77 -23.41 -15.10
C ARG A 166 -9.08 -23.97 -15.65
N VAL A 167 -9.99 -23.07 -16.02
CA VAL A 167 -11.27 -23.47 -16.59
C VAL A 167 -11.02 -23.90 -18.04
N LEU A 168 -10.03 -23.28 -18.67
CA LEU A 168 -9.69 -23.52 -20.08
C LEU A 168 -8.71 -24.67 -20.28
N LYS A 169 -7.46 -24.47 -19.85
CA LYS A 169 -6.44 -25.50 -19.96
C LYS A 169 -6.93 -26.75 -19.24
N ASP A 170 -7.14 -26.62 -17.94
CA ASP A 170 -7.75 -27.68 -17.16
C ASP A 170 -9.24 -27.47 -17.35
N ASN A 171 -10.09 -28.24 -16.68
CA ASN A 171 -11.52 -27.92 -16.73
C ASN A 171 -12.19 -27.92 -15.36
N MET A 172 -11.80 -26.94 -14.54
CA MET A 172 -12.40 -26.68 -13.24
C MET A 172 -13.83 -26.17 -13.43
N ASP A 173 -14.70 -26.50 -12.48
CA ASP A 173 -16.10 -26.11 -12.54
C ASP A 173 -16.33 -24.62 -12.73
N VAL A 174 -17.05 -24.27 -13.79
CA VAL A 174 -17.48 -22.90 -14.06
C VAL A 174 -18.11 -22.28 -12.82
N ASN A 175 -18.71 -23.14 -11.98
CA ASN A 175 -19.30 -22.72 -10.72
C ASN A 175 -18.28 -22.24 -9.71
N PHE A 176 -17.16 -22.96 -9.58
CA PHE A 176 -16.08 -22.57 -8.68
C PHE A 176 -15.34 -21.40 -9.29
N MET A 177 -15.99 -20.24 -9.27
CA MET A 177 -15.56 -19.05 -9.94
C MET A 177 -16.90 -18.75 -9.33
N LYS A 178 -17.48 -17.61 -9.67
CA LYS A 178 -18.86 -17.15 -9.41
C LYS A 178 -18.59 -16.57 -8.08
N LYS A 179 -17.70 -17.20 -7.33
CA LYS A 179 -17.27 -16.66 -6.04
C LYS A 179 -16.40 -15.45 -6.26
N VAL A 180 -15.55 -15.50 -7.29
CA VAL A 180 -14.69 -14.36 -7.61
C VAL A 180 -15.44 -13.39 -8.52
N LEU A 181 -16.22 -13.95 -9.45
CA LEU A 181 -16.96 -13.14 -10.38
C LEU A 181 -17.65 -11.97 -9.63
N ARG A 182 -18.00 -12.18 -8.37
CA ARG A 182 -18.64 -11.21 -7.51
C ARG A 182 -17.78 -10.22 -6.66
N GLN A 183 -16.47 -10.46 -6.61
CA GLN A 183 -15.58 -9.73 -5.70
C GLN A 183 -15.82 -8.23 -5.59
N ARG A 184 -15.95 -7.57 -6.74
CA ARG A 184 -16.04 -6.12 -6.80
C ARG A 184 -14.65 -5.54 -7.04
N TYR A 185 -14.62 -4.28 -7.46
CA TYR A 185 -13.37 -3.59 -7.77
C TYR A 185 -13.51 -2.09 -7.52
N GLY A 186 -12.49 -1.50 -6.91
CA GLY A 186 -12.49 -0.08 -6.59
C GLY A 186 -13.72 0.38 -5.83
N THR A 187 -14.25 1.54 -6.18
CA THR A 187 -15.42 2.09 -5.50
C THR A 187 -16.71 1.81 -6.25
N MET A 188 -17.14 2.79 -7.05
CA MET A 188 -18.41 2.74 -7.76
C MET A 188 -18.66 1.46 -8.55
N THR A 189 -17.64 1.02 -9.28
CA THR A 189 -17.75 -0.13 -10.17
C THR A 189 -18.01 -1.46 -9.44
N ALA A 190 -19.05 -2.15 -9.86
CA ALA A 190 -19.36 -3.49 -9.37
C ALA A 190 -18.58 -4.53 -10.17
N GLU A 191 -17.32 -4.19 -10.48
CA GLU A 191 -16.36 -5.04 -11.21
C GLU A 191 -16.88 -5.56 -12.56
N GLU A 192 -17.81 -6.52 -12.50
CA GLU A 192 -18.41 -7.18 -13.67
C GLU A 192 -17.47 -7.40 -14.86
N TRP A 193 -17.46 -6.46 -15.80
CA TRP A 193 -16.66 -6.57 -17.01
C TRP A 193 -16.28 -5.21 -17.52
N MET A 194 -17.16 -4.63 -18.34
CA MET A 194 -16.91 -3.29 -18.88
C MET A 194 -16.84 -2.24 -17.78
N THR A 195 -17.62 -2.46 -16.72
CA THR A 195 -17.61 -1.60 -15.55
C THR A 195 -16.19 -1.11 -15.37
N GLN A 196 -15.28 -2.05 -15.13
CA GLN A 196 -13.85 -1.73 -15.22
C GLN A 196 -13.29 -2.26 -16.53
N LYS A 197 -12.83 -1.34 -17.38
CA LYS A 197 -12.27 -1.68 -18.67
C LYS A 197 -11.72 -3.11 -18.71
N ILE A 198 -12.17 -3.90 -19.68
CA ILE A 198 -11.72 -5.28 -19.83
C ILE A 198 -10.28 -5.36 -20.32
N THR A 199 -9.79 -4.28 -20.93
CA THR A 199 -8.43 -4.23 -21.47
C THR A 199 -7.41 -4.61 -20.40
N GLU A 200 -7.53 -3.99 -19.23
CA GLU A 200 -6.65 -4.28 -18.10
C GLU A 200 -6.86 -5.70 -17.56
N ILE A 201 -8.05 -6.25 -17.77
CA ILE A 201 -8.35 -7.65 -17.45
C ILE A 201 -7.84 -8.58 -18.56
N LYS A 202 -7.87 -8.09 -19.80
CA LYS A 202 -7.41 -8.83 -20.97
C LYS A 202 -5.90 -9.03 -20.97
N ALA A 203 -5.17 -7.98 -20.61
CA ALA A 203 -3.72 -8.02 -20.52
C ALA A 203 -3.24 -9.09 -19.54
N ALA A 204 -3.83 -9.11 -18.34
CA ALA A 204 -3.48 -10.10 -17.32
C ALA A 204 -3.67 -11.52 -17.83
N PHE A 205 -4.74 -11.73 -18.60
CA PHE A 205 -5.01 -13.00 -19.22
C PHE A 205 -3.89 -13.37 -20.19
N ASN A 206 -3.61 -12.49 -21.14
CA ASN A 206 -2.53 -12.71 -22.10
C ASN A 206 -1.19 -12.97 -21.41
N SER A 207 -1.00 -12.33 -20.25
CA SER A 207 0.23 -12.49 -19.47
C SER A 207 0.44 -13.89 -18.94
N VAL A 208 -0.61 -14.50 -18.40
CA VAL A 208 -0.53 -15.83 -17.81
C VAL A 208 -0.33 -16.89 -18.88
N GLY A 209 -0.96 -16.68 -20.03
CA GLY A 209 -0.87 -17.61 -21.15
C GLY A 209 0.56 -17.76 -21.64
N GLN A 210 1.43 -16.83 -21.23
CA GLN A 210 2.83 -16.83 -21.61
C GLN A 210 3.63 -17.91 -20.87
N LEU A 211 3.14 -18.31 -19.70
CA LEU A 211 3.89 -19.21 -18.83
C LEU A 211 3.58 -20.69 -19.08
N ALA A 212 2.34 -20.95 -19.52
CA ALA A 212 1.75 -22.23 -19.76
C ALA A 212 2.02 -22.98 -18.40
N TRP A 213 1.65 -24.25 -18.32
CA TRP A 213 1.93 -25.19 -17.25
C TRP A 213 1.82 -26.63 -17.74
N ALA A 214 2.86 -27.42 -17.48
CA ALA A 214 2.88 -28.82 -17.90
C ALA A 214 3.93 -29.61 -17.12
N LYS A 215 3.57 -30.81 -16.69
CA LYS A 215 4.49 -31.67 -15.95
C LYS A 215 5.64 -32.11 -16.83
N SER A 216 6.02 -33.38 -16.70
CA SER A 216 7.12 -33.94 -17.48
C SER A 216 8.25 -34.44 -16.56
N GLY A 217 9.33 -34.92 -17.17
CA GLY A 217 9.44 -34.97 -18.61
C GLY A 217 10.76 -34.43 -19.11
N PHE A 218 11.34 -35.11 -20.09
CA PHE A 218 12.61 -34.70 -20.67
C PHE A 218 13.28 -35.86 -21.42
N SER A 219 12.81 -37.07 -21.15
CA SER A 219 13.36 -38.26 -21.80
C SER A 219 12.26 -39.07 -22.47
N PRO A 220 12.57 -39.64 -23.64
CA PRO A 220 11.63 -40.47 -24.39
C PRO A 220 11.94 -41.95 -24.25
N ALA A 221 10.93 -42.74 -23.90
CA ALA A 221 11.08 -44.18 -23.77
C ALA A 221 10.97 -44.86 -25.13
N ALA A 222 12.05 -45.51 -25.55
CA ALA A 222 12.07 -46.31 -26.78
C ALA A 222 11.41 -47.67 -26.54
N ARG A 223 10.92 -47.86 -25.33
CA ARG A 223 10.22 -49.09 -24.96
C ARG A 223 8.75 -48.90 -25.31
N THR A 224 8.28 -47.67 -25.21
CA THR A 224 6.95 -47.25 -25.69
C THR A 224 6.66 -45.84 -25.11
N PHE A 225 5.65 -45.20 -25.71
CA PHE A 225 5.03 -43.92 -25.33
C PHE A 225 5.09 -42.90 -26.47
N PRO B 11 11.88 -0.53 26.32
CA PRO B 11 11.28 0.19 25.20
C PRO B 11 11.39 1.71 25.37
N GLN B 12 11.35 2.44 24.25
CA GLN B 12 11.43 3.91 24.28
C GLN B 12 10.58 4.53 23.16
N ARG B 13 11.11 5.55 22.48
CA ARG B 13 10.35 6.28 21.46
C ARG B 13 10.23 5.50 20.15
N ASN B 14 9.15 5.74 19.40
CA ASN B 14 8.09 6.67 19.77
C ASN B 14 6.69 6.06 19.69
N ALA B 15 6.38 5.46 18.54
CA ALA B 15 5.09 4.80 18.31
C ALA B 15 5.30 3.42 17.70
N ALA B 16 6.29 3.31 16.82
CA ALA B 16 6.58 2.05 16.15
C ALA B 16 5.39 1.56 15.34
N THR B 17 4.27 1.36 16.01
CA THR B 17 3.05 0.88 15.36
C THR B 17 2.01 0.48 16.39
N PHE B 18 0.82 1.07 16.31
CA PHE B 18 0.55 2.12 15.33
C PHE B 18 0.10 1.61 13.93
N ASN B 19 -0.94 2.23 13.38
CA ASN B 19 -1.59 3.35 14.04
C ASN B 19 -2.82 2.94 14.85
N PRO B 20 -3.76 3.87 15.01
CA PRO B 20 -4.98 3.60 15.75
C PRO B 20 -6.25 3.36 14.92
N GLU B 21 -6.26 3.80 13.66
CA GLU B 21 -7.41 3.54 12.77
C GLU B 21 -7.61 2.04 12.57
N VAL B 22 -6.51 1.33 12.38
CA VAL B 22 -6.53 -0.11 12.20
C VAL B 22 -6.92 -0.79 13.50
N GLY B 23 -6.31 -0.38 14.60
CA GLY B 23 -6.65 -0.93 15.91
C GLY B 23 -8.12 -0.74 16.25
N TYR B 24 -8.66 0.40 15.83
CA TYR B 24 -10.07 0.73 16.02
C TYR B 24 -11.00 -0.17 15.19
N VAL B 25 -10.69 -0.34 13.90
CA VAL B 25 -11.54 -1.14 13.02
C VAL B 25 -11.40 -2.64 13.29
N ALA B 26 -10.32 -3.02 13.97
CA ALA B 26 -10.16 -4.37 14.52
C ALA B 26 -10.98 -4.52 15.80
N PHE B 27 -10.96 -3.47 16.64
CA PHE B 27 -11.70 -3.43 17.90
C PHE B 27 -13.21 -3.54 17.69
N ILE B 28 -13.74 -2.86 16.68
CA ILE B 28 -15.16 -2.98 16.33
C ILE B 28 -15.44 -4.38 15.80
N GLY B 29 -14.39 -5.06 15.34
CA GLY B 29 -14.49 -6.47 14.97
C GLY B 29 -14.80 -7.30 16.20
N LYS B 30 -14.09 -7.02 17.29
CA LYS B 30 -14.25 -7.78 18.53
C LYS B 30 -15.54 -7.50 19.31
N TYR B 31 -15.93 -6.23 19.41
CA TYR B 31 -17.06 -5.85 20.26
C TYR B 31 -18.21 -5.15 19.54
N GLY B 32 -17.95 -4.71 18.31
CA GLY B 32 -18.91 -3.89 17.55
C GLY B 32 -20.32 -4.47 17.45
N GLN B 33 -20.40 -5.79 17.41
CA GLN B 33 -21.68 -6.49 17.33
C GLN B 33 -22.63 -6.11 18.47
N GLN B 34 -22.09 -6.05 19.69
CA GLN B 34 -22.90 -5.82 20.88
C GLN B 34 -22.65 -4.50 21.61
N LEU B 35 -22.21 -3.49 20.87
CA LEU B 35 -22.04 -2.14 21.43
C LEU B 35 -23.30 -1.31 21.28
N ASN B 36 -23.69 -0.65 22.36
CA ASN B 36 -24.82 0.28 22.38
C ASN B 36 -24.49 1.51 23.21
N PHE B 37 -25.23 2.60 22.99
CA PHE B 37 -24.97 3.84 23.72
C PHE B 37 -25.04 3.61 25.23
N GLY B 38 -25.63 2.49 25.62
CA GLY B 38 -25.78 2.10 27.02
C GLY B 38 -24.48 1.67 27.67
N VAL B 39 -23.66 0.90 26.95
CA VAL B 39 -22.33 0.49 27.44
C VAL B 39 -21.39 1.69 27.53
N ALA B 40 -21.58 2.66 26.61
CA ALA B 40 -20.82 3.90 26.60
C ALA B 40 -21.18 4.75 27.81
N ARG B 41 -22.48 4.84 28.11
CA ARG B 41 -22.97 5.59 29.26
C ARG B 41 -22.31 5.11 30.56
N VAL B 42 -22.26 3.79 30.73
CA VAL B 42 -21.66 3.16 31.91
C VAL B 42 -20.13 3.33 31.93
N PHE B 43 -19.47 2.95 30.84
CA PHE B 43 -18.01 3.05 30.73
C PHE B 43 -17.50 4.48 30.95
N PHE B 44 -18.01 5.43 30.17
CA PHE B 44 -17.56 6.83 30.25
C PHE B 44 -17.72 7.43 31.63
N LEU B 45 -18.66 6.87 32.39
CA LEU B 45 -18.85 7.24 33.78
C LEU B 45 -17.91 6.39 34.67
N ASN B 46 -17.89 5.08 34.41
CA ASN B 46 -17.17 4.11 35.23
C ASN B 46 -15.64 4.16 35.07
N GLN B 47 -15.17 4.81 34.01
CA GLN B 47 -13.75 4.87 33.71
C GLN B 47 -12.93 5.28 34.93
N LYS B 48 -13.36 6.35 35.59
CA LYS B 48 -12.65 6.88 36.77
C LYS B 48 -12.36 5.76 37.77
N LYS B 49 -13.40 4.99 38.11
CA LYS B 49 -13.29 3.88 39.04
C LYS B 49 -12.58 2.68 38.42
N ALA B 50 -12.83 2.42 37.14
CA ALA B 50 -12.15 1.33 36.43
C ALA B 50 -10.64 1.51 36.48
N LYS B 51 -10.20 2.76 36.31
CA LYS B 51 -8.79 3.13 36.45
C LYS B 51 -8.23 2.71 37.81
N MET B 52 -9.05 2.84 38.86
CA MET B 52 -8.65 2.49 40.23
C MET B 52 -8.49 1.00 40.45
N VAL B 53 -9.47 0.21 39.98
CA VAL B 53 -9.44 -1.26 40.13
C VAL B 53 -8.23 -1.88 39.40
N LEU B 54 -7.96 -1.39 38.20
CA LEU B 54 -6.77 -1.78 37.44
C LEU B 54 -5.49 -1.39 38.18
N HIS B 55 -5.55 -0.28 38.92
CA HIS B 55 -4.44 0.16 39.76
C HIS B 55 -4.27 -0.74 40.96
N LYS B 56 -5.37 -1.33 41.43
CA LYS B 56 -5.36 -2.19 42.61
C LYS B 56 -4.94 -3.64 42.30
N THR B 57 -5.49 -4.19 41.20
CA THR B 57 -5.31 -5.61 40.88
C THR B 57 -3.94 -5.94 40.27
N ALA B 58 -3.41 -7.11 40.62
CA ALA B 58 -2.05 -7.51 40.27
C ALA B 58 -1.89 -8.11 38.87
N GLN B 59 -2.99 -8.23 38.14
CA GLN B 59 -2.95 -8.83 36.81
C GLN B 59 -2.35 -7.92 35.75
N PRO B 60 -1.61 -8.51 34.80
CA PRO B 60 -1.02 -7.75 33.68
C PRO B 60 -2.05 -7.28 32.66
N SER B 61 -3.10 -8.07 32.46
CA SER B 61 -4.21 -7.71 31.57
C SER B 61 -5.51 -8.38 32.02
N VAL B 62 -6.39 -7.57 32.59
CA VAL B 62 -7.65 -8.06 33.04
C VAL B 62 -8.72 -7.86 31.97
N ASP B 63 -9.94 -8.11 32.43
CA ASP B 63 -11.19 -8.03 31.70
C ASP B 63 -12.29 -7.64 32.67
N LEU B 64 -13.07 -6.67 32.21
CA LEU B 64 -14.09 -6.00 32.94
C LEU B 64 -15.36 -6.04 32.19
N THR B 65 -16.46 -5.89 32.89
CA THR B 65 -17.71 -5.81 32.18
C THR B 65 -18.36 -4.47 32.50
N PHE B 66 -18.85 -3.78 31.47
CA PHE B 66 -19.49 -2.49 31.65
C PHE B 66 -20.80 -2.41 30.88
N GLY B 67 -21.91 -2.64 31.58
CA GLY B 67 -23.22 -2.58 30.98
C GLY B 67 -23.48 -3.80 30.14
N GLY B 68 -22.71 -4.85 30.37
CA GLY B 68 -22.90 -6.06 29.61
C GLY B 68 -21.59 -6.66 29.17
N VAL B 69 -20.86 -5.96 28.32
CA VAL B 69 -19.60 -6.42 27.78
C VAL B 69 -18.53 -5.87 28.71
N LYS B 70 -17.42 -6.57 28.95
CA LYS B 70 -17.13 -7.85 28.38
C LYS B 70 -15.74 -7.80 27.81
N PHE B 71 -15.00 -6.78 28.18
CA PHE B 71 -13.67 -6.56 27.63
C PHE B 71 -12.44 -7.03 28.34
N THR B 72 -11.51 -7.56 27.57
CA THR B 72 -10.23 -7.85 28.07
C THR B 72 -9.45 -6.59 27.77
N VAL B 73 -8.97 -5.96 28.84
CA VAL B 73 -8.25 -4.69 28.78
C VAL B 73 -6.81 -4.88 29.26
N VAL B 74 -5.94 -3.94 28.91
CA VAL B 74 -4.55 -3.98 29.35
C VAL B 74 -4.34 -3.10 30.59
N ASN B 75 -3.54 -3.57 31.53
CA ASN B 75 -3.27 -2.83 32.75
C ASN B 75 -2.16 -1.81 32.53
N ASN B 76 -2.49 -0.54 32.76
CA ASN B 76 -1.56 0.57 32.54
C ASN B 76 -1.47 1.54 33.72
N HIS B 77 -2.20 1.23 34.78
CA HIS B 77 -2.26 2.10 35.96
C HIS B 77 -1.61 1.48 37.15
N PHE B 78 -1.60 0.14 37.18
CA PHE B 78 -0.84 -0.60 38.18
C PHE B 78 0.64 -0.21 38.05
N PRO B 79 1.23 0.31 39.14
CA PRO B 79 2.55 0.96 39.18
C PRO B 79 3.71 0.15 38.60
N GLN B 80 3.61 -1.18 38.64
CA GLN B 80 4.67 -2.06 38.12
C GLN B 80 4.59 -2.22 36.60
N TYR B 81 3.43 -1.91 36.02
CA TYR B 81 3.18 -2.14 34.59
C TYR B 81 3.13 -0.86 33.75
N VAL B 82 3.27 0.30 34.40
CA VAL B 82 3.13 1.60 33.75
C VAL B 82 4.08 1.77 32.55
N SER B 83 5.35 1.40 32.73
CA SER B 83 6.39 1.60 31.72
C SER B 83 6.50 0.47 30.70
N ASN B 84 5.95 -0.69 31.04
CA ASN B 84 6.00 -1.89 30.19
C ASN B 84 5.43 -1.69 28.77
N PRO B 85 5.81 -2.55 27.81
CA PRO B 85 5.32 -2.39 26.44
C PRO B 85 3.91 -2.93 26.26
N VAL B 86 3.16 -2.33 25.34
CA VAL B 86 1.80 -2.77 25.02
C VAL B 86 1.61 -3.14 23.54
N PRO B 87 1.14 -4.38 23.28
CA PRO B 87 0.78 -4.81 21.93
C PRO B 87 -0.27 -3.89 21.29
N ASP B 88 -0.38 -3.95 19.97
CA ASP B 88 -1.25 -3.04 19.23
C ASP B 88 -2.74 -3.36 19.40
N ASN B 89 -3.08 -4.63 19.20
CA ASN B 89 -4.45 -5.08 19.40
C ASN B 89 -4.87 -4.95 20.87
N ALA B 90 -3.89 -4.94 21.77
CA ALA B 90 -4.15 -4.79 23.19
C ALA B 90 -4.84 -3.46 23.49
N ILE B 91 -6.14 -3.53 23.77
CA ILE B 91 -6.94 -2.35 24.04
C ILE B 91 -6.70 -1.79 25.46
N THR B 92 -5.90 -0.73 25.53
CA THR B 92 -5.66 -0.02 26.77
C THR B 92 -6.85 0.89 27.06
N LEU B 93 -7.26 0.96 28.31
CA LEU B 93 -8.44 1.72 28.70
C LEU B 93 -8.49 3.12 28.08
N HIS B 94 -7.32 3.74 27.94
CA HIS B 94 -7.21 5.05 27.32
C HIS B 94 -7.47 4.99 25.84
N ARG B 95 -7.14 3.85 25.22
CA ARG B 95 -7.55 3.58 23.85
C ARG B 95 -9.04 3.27 23.83
N MET B 96 -9.50 2.41 24.75
CA MET B 96 -10.92 2.07 24.87
C MET B 96 -11.77 3.33 24.98
N SER B 97 -11.23 4.34 25.67
CA SER B 97 -11.86 5.65 25.79
C SER B 97 -11.81 6.40 24.46
N GLY B 98 -10.68 6.27 23.76
CA GLY B 98 -10.52 6.89 22.45
C GLY B 98 -11.30 6.17 21.37
N TYR B 99 -11.38 4.85 21.47
CA TYR B 99 -12.10 4.03 20.49
C TYR B 99 -13.59 4.33 20.53
N LEU B 100 -14.19 4.12 21.70
CA LEU B 100 -15.62 4.33 21.90
C LEU B 100 -16.02 5.75 21.52
N ALA B 101 -15.22 6.73 21.94
CA ALA B 101 -15.46 8.13 21.61
C ALA B 101 -15.59 8.35 20.09
N ARG B 102 -14.84 7.58 19.32
CA ARG B 102 -14.93 7.66 17.86
C ARG B 102 -16.22 7.00 17.38
N TRP B 103 -16.59 5.88 17.99
CA TRP B 103 -17.77 5.12 17.57
C TRP B 103 -19.03 5.91 17.71
N ILE B 104 -19.10 6.76 18.73
CA ILE B 104 -20.24 7.65 18.92
C ILE B 104 -20.21 8.75 17.86
N ALA B 105 -19.00 9.26 17.58
CA ALA B 105 -18.79 10.33 16.60
C ALA B 105 -19.12 9.88 15.18
N ASP B 106 -18.95 8.59 14.92
CA ASP B 106 -19.19 8.03 13.60
C ASP B 106 -20.63 7.54 13.40
N THR B 107 -21.33 7.27 14.50
CA THR B 107 -22.76 6.99 14.44
C THR B 107 -23.51 8.31 14.26
N CYS B 108 -23.04 9.36 14.95
CA CYS B 108 -23.60 10.71 14.82
C CYS B 108 -23.41 11.20 13.39
N LYS B 109 -22.17 11.22 12.93
CA LYS B 109 -21.85 11.50 11.54
C LYS B 109 -22.09 10.25 10.69
N ALA B 110 -23.36 9.88 10.56
CA ALA B 110 -23.80 8.80 9.67
C ALA B 110 -25.20 9.16 9.21
N SER B 111 -26.15 9.08 10.14
CA SER B 111 -27.46 9.68 9.98
C SER B 111 -27.91 10.16 11.35
N VAL B 112 -28.48 11.35 11.40
CA VAL B 112 -28.82 12.01 12.65
C VAL B 112 -29.39 11.01 13.64
N LEU B 113 -30.68 10.70 13.49
CA LEU B 113 -31.31 9.72 14.35
C LEU B 113 -30.26 8.70 14.76
N LYS B 114 -29.96 8.66 16.03
CA LYS B 114 -28.89 7.88 16.70
C LYS B 114 -28.12 8.92 17.45
N LEU B 115 -28.10 10.16 16.96
CA LEU B 115 -27.64 11.31 17.75
C LEU B 115 -28.50 11.43 19.01
N ALA B 116 -29.82 11.33 18.82
CA ALA B 116 -30.80 11.48 19.89
C ALA B 116 -30.61 10.52 21.06
N GLU B 117 -30.19 9.29 20.78
CA GLU B 117 -29.99 8.28 21.81
C GLU B 117 -28.73 8.56 22.64
N ALA B 118 -27.70 9.06 21.98
CA ALA B 118 -26.46 9.48 22.64
C ALA B 118 -26.72 10.71 23.51
N SER B 119 -27.77 11.45 23.19
CA SER B 119 -28.10 12.67 23.92
C SER B 119 -28.78 12.36 25.25
N ALA B 120 -29.77 11.46 25.21
CA ALA B 120 -30.51 11.09 26.40
C ALA B 120 -29.69 10.21 27.35
N GLN B 121 -28.73 9.48 26.78
CA GLN B 121 -27.97 8.46 27.54
C GLN B 121 -26.53 8.84 27.90
N ILE B 122 -25.65 8.99 26.90
CA ILE B 122 -24.23 9.19 27.17
C ILE B 122 -23.93 10.57 27.77
N VAL B 123 -23.05 10.57 28.76
CA VAL B 123 -22.59 11.78 29.42
C VAL B 123 -21.07 11.74 29.53
N MET B 124 -20.44 12.89 29.28
CA MET B 124 -19.00 13.03 29.39
C MET B 124 -18.68 13.85 30.64
N PRO B 125 -18.16 13.19 31.70
CA PRO B 125 -17.85 13.85 32.97
C PRO B 125 -16.68 14.83 32.88
N LEU B 126 -15.74 14.59 31.98
CA LEU B 126 -14.60 15.49 31.77
C LEU B 126 -15.01 16.68 30.90
N ALA B 127 -16.14 16.53 30.21
CA ALA B 127 -16.68 17.62 29.39
C ALA B 127 -17.75 18.41 30.16
N GLU B 128 -18.37 17.77 31.13
CA GLU B 128 -19.42 18.39 31.94
C GLU B 128 -18.86 19.22 33.10
N VAL B 129 -17.59 19.02 33.44
CA VAL B 129 -16.88 19.87 34.41
C VAL B 129 -16.42 21.18 33.75
N LYS B 130 -16.97 21.45 32.58
CA LYS B 130 -16.76 22.71 31.88
C LYS B 130 -18.09 23.18 31.28
N GLY B 131 -19.17 22.49 31.66
CA GLY B 131 -20.53 22.80 31.18
C GLY B 131 -20.63 22.85 29.67
N CYS B 132 -20.63 21.67 29.04
CA CYS B 132 -20.58 21.58 27.58
C CYS B 132 -21.92 21.24 26.94
N THR B 133 -22.37 19.99 27.11
CA THR B 133 -23.63 19.47 26.53
C THR B 133 -23.57 19.29 25.01
N TRP B 134 -24.55 18.55 24.47
CA TRP B 134 -24.67 18.29 23.03
C TRP B 134 -24.97 19.49 22.20
N ALA B 135 -25.47 20.54 22.84
CA ALA B 135 -25.75 21.81 22.16
C ALA B 135 -24.51 22.33 21.42
N ASP B 136 -23.34 22.02 21.96
CA ASP B 136 -22.06 22.48 21.42
C ASP B 136 -21.56 21.66 20.22
N GLY B 137 -22.44 20.86 19.63
CA GLY B 137 -22.09 20.00 18.50
C GLY B 137 -21.22 18.83 18.93
N TYR B 138 -21.76 17.62 18.77
CA TYR B 138 -21.11 16.36 19.16
C TYR B 138 -19.59 16.35 18.99
N THR B 139 -19.10 17.02 17.94
CA THR B 139 -17.68 17.10 17.68
C THR B 139 -16.91 17.61 18.90
N MET B 140 -17.33 18.74 19.45
CA MET B 140 -16.64 19.35 20.58
C MET B 140 -16.75 18.50 21.85
N TYR B 141 -17.98 18.16 22.22
CA TYR B 141 -18.26 17.42 23.44
C TYR B 141 -17.46 16.12 23.54
N LEU B 142 -17.59 15.27 22.52
CA LEU B 142 -16.93 13.96 22.50
C LEU B 142 -15.41 14.08 22.55
N GLY B 143 -14.90 15.20 22.04
CA GLY B 143 -13.46 15.46 22.03
C GLY B 143 -12.81 15.54 23.40
N PHE B 144 -13.64 15.81 24.41
CA PHE B 144 -13.17 15.88 25.80
C PHE B 144 -12.73 14.54 26.35
N ALA B 145 -13.27 13.46 25.79
CA ALA B 145 -12.98 12.09 26.22
C ALA B 145 -11.48 11.77 26.13
N PRO B 146 -10.93 11.10 27.15
CA PRO B 146 -9.54 10.66 27.10
C PRO B 146 -9.27 9.79 25.86
N GLY B 147 -8.08 9.96 25.28
CA GLY B 147 -7.69 9.22 24.09
C GLY B 147 -8.26 9.75 22.79
N ALA B 148 -9.08 10.79 22.87
CA ALA B 148 -9.74 11.38 21.69
C ALA B 148 -8.75 11.99 20.69
N GLU B 149 -7.51 12.24 21.14
CA GLU B 149 -6.47 12.79 20.28
C GLU B 149 -6.00 11.79 19.20
N MET B 150 -6.22 10.50 19.45
CA MET B 150 -5.86 9.44 18.50
C MET B 150 -6.55 9.59 17.14
N PHE B 151 -7.66 10.31 17.12
CA PHE B 151 -8.43 10.50 15.90
C PHE B 151 -8.79 11.97 15.72
N LEU B 152 -7.79 12.84 15.71
CA LEU B 152 -7.97 14.30 15.67
C LEU B 152 -9.04 14.80 14.69
N ASP B 153 -9.09 14.19 13.51
CA ASP B 153 -10.05 14.58 12.47
C ASP B 153 -11.49 14.19 12.81
N ALA B 154 -11.64 13.04 13.46
CA ALA B 154 -12.95 12.55 13.89
C ALA B 154 -13.54 13.43 14.99
N PHE B 155 -12.79 14.45 15.40
CA PHE B 155 -13.24 15.41 16.41
C PHE B 155 -12.85 16.85 16.07
N ASP B 156 -12.43 17.07 14.82
CA ASP B 156 -12.08 18.42 14.31
C ASP B 156 -11.04 19.16 15.15
N PHE B 157 -9.88 18.53 15.37
CA PHE B 157 -8.76 19.17 16.07
C PHE B 157 -9.03 19.62 17.52
N TYR B 158 -10.21 19.31 18.04
CA TYR B 158 -10.59 19.66 19.42
C TYR B 158 -9.75 19.03 20.55
N PRO B 159 -9.45 17.71 20.47
CA PRO B 159 -8.57 17.08 21.47
C PRO B 159 -7.18 17.71 21.57
N LEU B 160 -6.66 18.22 20.46
CA LEU B 160 -5.38 18.91 20.43
C LEU B 160 -5.51 20.28 21.10
N VAL B 161 -6.65 20.93 20.88
CA VAL B 161 -6.87 22.26 21.40
C VAL B 161 -7.14 22.27 22.91
N ILE B 162 -7.98 21.34 23.35
CA ILE B 162 -8.37 21.28 24.77
C ILE B 162 -7.15 21.03 25.67
N GLU B 163 -6.29 20.11 25.25
CA GLU B 163 -5.04 19.80 25.97
C GLU B 163 -3.99 20.91 25.74
N MET B 164 -4.31 21.81 24.82
CA MET B 164 -3.51 23.01 24.56
C MET B 164 -4.17 24.20 25.27
N HIS B 165 -5.37 23.97 25.80
CA HIS B 165 -6.16 25.02 26.43
C HIS B 165 -6.11 24.99 27.93
N ARG B 166 -6.10 23.79 28.51
CA ARG B 166 -5.99 23.63 29.97
C ARG B 166 -4.53 23.52 30.45
N VAL B 167 -3.59 23.61 29.51
CA VAL B 167 -2.17 23.76 29.84
C VAL B 167 -1.88 25.25 30.06
N LEU B 168 -2.74 26.09 29.48
CA LEU B 168 -2.62 27.54 29.51
C LEU B 168 -3.62 28.13 30.51
N LYS B 169 -4.90 27.86 30.29
CA LYS B 169 -5.97 28.39 31.14
C LYS B 169 -6.12 27.58 32.43
N ASP B 170 -5.24 26.59 32.59
CA ASP B 170 -5.17 25.79 33.82
C ASP B 170 -3.70 25.57 34.17
N ASN B 171 -3.44 24.71 35.15
CA ASN B 171 -2.06 24.42 35.55
C ASN B 171 -1.53 23.03 35.14
N MET B 172 -1.25 22.87 33.85
CA MET B 172 -0.72 21.62 33.32
C MET B 172 0.67 21.81 32.68
N ASP B 173 1.33 20.69 32.37
CA ASP B 173 2.66 20.71 31.76
C ASP B 173 2.61 20.42 30.26
N VAL B 174 3.64 20.90 29.55
CA VAL B 174 3.83 20.60 28.13
C VAL B 174 4.25 19.13 27.96
N ASN B 175 4.39 18.43 29.10
CA ASN B 175 4.64 16.98 29.10
C ASN B 175 3.49 16.21 28.46
N PHE B 176 2.28 16.72 28.69
CA PHE B 176 1.06 16.11 28.14
C PHE B 176 0.68 16.77 26.81
N MET B 177 1.69 16.97 25.98
CA MET B 177 1.54 17.50 24.62
C MET B 177 2.41 16.71 23.66
N LYS B 178 3.44 16.06 24.20
CA LYS B 178 4.27 15.16 23.40
C LYS B 178 3.40 14.00 22.91
N LYS B 179 2.49 13.57 23.77
CA LYS B 179 1.51 12.54 23.42
C LYS B 179 0.59 13.04 22.31
N VAL B 180 0.06 14.25 22.49
CA VAL B 180 -0.93 14.84 21.57
C VAL B 180 -0.36 15.07 20.17
N LEU B 181 0.88 15.55 20.11
CA LEU B 181 1.65 15.60 18.87
C LEU B 181 2.31 14.23 18.66
N ARG B 182 3.11 14.10 17.59
CA ARG B 182 3.54 12.79 17.08
C ARG B 182 2.38 12.14 16.33
N GLN B 183 1.20 12.77 16.43
CA GLN B 183 -0.04 12.25 15.90
C GLN B 183 -0.30 12.76 14.48
N ARG B 184 -0.80 11.89 13.63
CA ARG B 184 -1.09 12.23 12.22
C ARG B 184 -2.52 12.71 12.01
N TYR B 185 -2.69 13.63 11.06
CA TYR B 185 -4.03 14.11 10.66
C TYR B 185 -4.47 13.49 9.32
N GLY B 186 -4.47 12.16 9.28
CA GLY B 186 -4.73 11.41 8.06
C GLY B 186 -3.44 11.26 7.27
N THR B 187 -2.46 10.62 7.91
CA THR B 187 -1.08 10.47 7.39
C THR B 187 -0.54 11.80 6.84
N MET B 188 -0.24 12.72 7.75
CA MET B 188 0.10 14.10 7.39
C MET B 188 1.53 14.53 7.73
N THR B 189 2.26 14.95 6.70
CA THR B 189 3.55 15.63 6.86
C THR B 189 3.29 17.12 7.07
N ALA B 190 3.99 17.69 8.05
CA ALA B 190 3.74 19.05 8.56
C ALA B 190 2.38 19.11 9.28
N GLU B 191 2.38 18.63 10.52
CA GLU B 191 1.20 18.68 11.39
C GLU B 191 1.39 19.72 12.50
N GLU B 192 2.60 19.78 13.06
CA GLU B 192 2.87 20.64 14.15
C GLU B 192 1.69 21.61 14.36
N TRP B 193 1.61 22.69 13.60
CA TRP B 193 0.59 23.66 13.79
C TRP B 193 0.58 23.40 12.35
N MET B 194 1.34 24.20 11.60
CA MET B 194 1.77 23.97 10.15
C MET B 194 1.21 23.62 8.82
N THR B 195 -0.04 23.90 8.50
CA THR B 195 -0.54 23.66 7.16
C THR B 195 -0.79 25.02 6.50
N GLN B 196 -1.69 25.05 5.52
CA GLN B 196 -2.09 26.29 4.88
C GLN B 196 -3.37 26.72 5.59
N LYS B 197 -3.57 28.03 5.74
CA LYS B 197 -4.77 28.63 6.36
C LYS B 197 -4.88 28.40 7.87
N ILE B 198 -3.76 28.07 8.53
CA ILE B 198 -3.70 27.72 9.97
C ILE B 198 -4.80 26.69 10.33
N THR B 199 -4.85 25.63 9.50
CA THR B 199 -5.97 24.70 9.45
C THR B 199 -6.57 24.33 10.81
N GLU B 200 -7.85 24.69 10.97
CA GLU B 200 -8.67 24.35 12.13
C GLU B 200 -8.07 24.72 13.48
N ILE B 201 -7.03 24.00 13.88
CA ILE B 201 -6.37 24.21 15.15
C ILE B 201 -7.02 25.35 15.94
N LYS B 202 -6.58 26.57 15.69
CA LYS B 202 -7.13 27.74 16.37
C LYS B 202 -7.94 28.61 15.42
N ALA B 203 -7.59 28.57 14.14
CA ALA B 203 -8.26 29.37 13.12
C ALA B 203 -9.62 28.78 12.72
N ALA B 204 -10.28 28.13 13.66
CA ALA B 204 -11.63 27.60 13.49
C ALA B 204 -12.35 27.41 14.82
N PHE B 205 -11.60 27.05 15.86
CA PHE B 205 -12.19 26.73 17.15
C PHE B 205 -12.67 27.95 17.95
N ASN B 206 -11.73 28.68 18.54
CA ASN B 206 -12.02 29.74 19.50
C ASN B 206 -13.22 29.41 20.39
N SER B 207 -13.44 28.10 20.61
CA SER B 207 -14.63 27.58 21.25
C SER B 207 -14.32 27.07 22.65
N VAL B 208 -13.12 26.53 22.84
CA VAL B 208 -12.63 26.20 24.18
C VAL B 208 -12.26 27.51 24.87
N GLY B 209 -12.07 28.56 24.06
CA GLY B 209 -11.90 29.92 24.56
C GLY B 209 -13.23 30.54 24.94
N GLN B 210 -14.23 30.39 24.07
CA GLN B 210 -15.58 30.92 24.32
C GLN B 210 -16.32 30.14 25.40
N LEU B 211 -16.04 28.84 25.50
CA LEU B 211 -16.56 28.03 26.59
C LEU B 211 -15.82 28.44 27.86
N ALA B 212 -16.58 28.87 28.86
CA ALA B 212 -16.01 29.45 30.06
C ALA B 212 -15.35 28.40 30.96
N TRP B 213 -14.70 28.88 32.02
CA TRP B 213 -14.16 28.03 33.08
C TRP B 213 -15.26 27.19 33.68
N ALA B 214 -16.45 27.77 33.79
CA ALA B 214 -17.66 27.10 34.28
C ALA B 214 -17.39 26.33 35.57
N LYS B 215 -17.81 25.06 35.62
CA LYS B 215 -17.66 24.19 36.79
C LYS B 215 -18.33 24.81 38.04
N SER B 216 -19.33 25.67 37.79
CA SER B 216 -20.03 26.39 38.86
C SER B 216 -20.82 25.46 39.79
N GLY B 217 -21.50 24.48 39.21
CA GLY B 217 -22.16 23.42 40.00
C GLY B 217 -23.61 23.65 40.37
N PHE B 218 -24.02 24.91 40.46
CA PHE B 218 -25.40 25.24 40.84
C PHE B 218 -25.82 26.65 40.42
N SER B 219 -27.03 26.75 39.88
CA SER B 219 -27.62 28.03 39.54
C SER B 219 -27.81 28.81 40.82
N PRO B 220 -27.64 30.14 40.74
CA PRO B 220 -27.69 31.00 41.92
C PRO B 220 -28.72 30.51 42.94
N ALA B 221 -28.26 30.10 44.13
CA ALA B 221 -26.84 30.09 44.50
C ALA B 221 -26.30 31.44 45.00
N ALA B 222 -26.83 32.54 44.47
CA ALA B 222 -26.49 33.87 44.94
C ALA B 222 -26.82 34.00 46.43
N ARG B 223 -25.79 33.84 47.26
CA ARG B 223 -25.94 33.78 48.71
C ARG B 223 -24.85 34.61 49.38
N THR B 224 -24.24 34.04 50.42
CA THR B 224 -23.11 34.64 51.11
C THR B 224 -21.83 33.98 50.62
N PHE B 225 -21.28 34.54 49.54
CA PHE B 225 -20.14 33.96 48.84
C PHE B 225 -19.53 35.06 47.97
N LEU B 226 -18.21 35.06 47.83
CA LEU B 226 -17.50 36.14 47.11
C LEU B 226 -17.82 36.23 45.61
N GLN B 227 -17.20 35.37 44.80
CA GLN B 227 -17.50 35.32 43.37
C GLN B 227 -16.89 34.09 42.72
N GLN B 228 -17.66 33.40 41.89
CA GLN B 228 -19.05 33.76 41.60
C GLN B 228 -19.99 32.58 41.83
N ALA C 16 17.10 2.47 -43.37
CA ALA C 16 18.28 1.95 -42.62
C ALA C 16 18.51 0.45 -42.86
N THR C 17 19.63 -0.05 -42.36
CA THR C 17 20.04 -1.44 -42.60
C THR C 17 19.94 -2.31 -41.34
N PHE C 18 20.15 -1.69 -40.17
CA PHE C 18 20.37 -2.44 -38.93
C PHE C 18 19.13 -2.81 -38.12
N ASN C 19 19.08 -4.07 -37.69
CA ASN C 19 18.16 -4.50 -36.63
C ASN C 19 18.78 -4.20 -35.27
N PRO C 20 18.06 -3.42 -34.44
CA PRO C 20 18.56 -2.93 -33.15
C PRO C 20 18.99 -4.04 -32.19
N GLU C 21 18.57 -5.27 -32.48
CA GLU C 21 18.96 -6.42 -31.70
C GLU C 21 20.40 -6.82 -32.00
N VAL C 22 20.82 -6.64 -33.25
CA VAL C 22 22.16 -7.01 -33.69
C VAL C 22 23.22 -6.06 -33.11
N GLY C 23 22.89 -4.77 -33.07
CA GLY C 23 23.79 -3.76 -32.51
C GLY C 23 24.01 -3.93 -31.01
N TYR C 24 22.94 -4.32 -30.31
CA TYR C 24 23.00 -4.55 -28.88
C TYR C 24 23.91 -5.71 -28.52
N VAL C 25 23.64 -6.88 -29.11
CA VAL C 25 24.44 -8.08 -28.82
C VAL C 25 25.92 -7.87 -29.16
N ALA C 26 26.18 -6.98 -30.12
CA ALA C 26 27.54 -6.61 -30.49
C ALA C 26 28.14 -5.68 -29.45
N PHE C 27 27.32 -4.73 -28.98
CA PHE C 27 27.69 -3.80 -27.92
C PHE C 27 28.03 -4.52 -26.61
N ILE C 28 27.34 -5.63 -26.36
CA ILE C 28 27.58 -6.40 -25.13
C ILE C 28 28.92 -7.13 -25.19
N GLY C 29 29.34 -7.49 -26.40
CA GLY C 29 30.60 -8.19 -26.61
C GLY C 29 31.82 -7.35 -26.28
N LYS C 30 31.77 -6.08 -26.65
CA LYS C 30 32.86 -5.15 -26.36
C LYS C 30 32.94 -4.79 -24.88
N TYR C 31 31.84 -4.30 -24.32
CA TYR C 31 31.85 -3.70 -22.98
C TYR C 31 31.12 -4.50 -21.90
N GLY C 32 30.27 -5.43 -22.32
CA GLY C 32 29.50 -6.25 -21.38
C GLY C 32 30.35 -6.89 -20.31
N GLN C 33 31.57 -7.29 -20.68
CA GLN C 33 32.47 -7.95 -19.76
C GLN C 33 32.88 -7.02 -18.61
N GLN C 34 32.74 -5.72 -18.81
CA GLN C 34 33.10 -4.74 -17.79
C GLN C 34 31.92 -3.94 -17.23
N LEU C 35 30.75 -4.09 -17.87
CA LEU C 35 29.55 -3.35 -17.46
C LEU C 35 28.99 -3.78 -16.09
N ASN C 36 28.86 -2.80 -15.20
CA ASN C 36 28.23 -2.99 -13.88
C ASN C 36 27.31 -1.82 -13.58
N PHE C 37 26.32 -2.05 -12.71
CA PHE C 37 25.36 -1.00 -12.34
C PHE C 37 26.04 0.33 -12.00
N GLY C 38 27.20 0.25 -11.34
CA GLY C 38 28.01 1.42 -11.02
C GLY C 38 28.38 2.24 -12.24
N VAL C 39 28.81 1.57 -13.31
CA VAL C 39 29.17 2.24 -14.56
C VAL C 39 27.94 2.70 -15.34
N ALA C 40 26.79 2.12 -15.02
CA ALA C 40 25.52 2.47 -15.65
C ALA C 40 24.89 3.70 -15.01
N ARG C 41 25.27 3.97 -13.77
CA ARG C 41 24.88 5.19 -13.06
C ARG C 41 25.50 6.42 -13.73
N VAL C 42 26.80 6.38 -13.95
CA VAL C 42 27.58 7.51 -14.47
C VAL C 42 27.04 8.03 -15.81
N PHE C 43 26.68 7.11 -16.70
CA PHE C 43 26.08 7.49 -17.99
C PHE C 43 24.70 8.11 -17.78
N PHE C 44 23.89 7.48 -16.93
CA PHE C 44 22.52 7.95 -16.71
C PHE C 44 22.42 9.16 -15.77
N LEU C 45 23.56 9.80 -15.55
CA LEU C 45 23.63 11.12 -14.95
C LEU C 45 24.25 12.08 -15.97
N ASN C 46 25.32 11.64 -16.61
CA ASN C 46 25.95 12.39 -17.70
C ASN C 46 25.38 12.02 -19.06
N GLN C 47 24.05 12.08 -19.16
CA GLN C 47 23.35 11.74 -20.39
C GLN C 47 23.21 12.96 -21.31
N LYS C 48 22.42 13.93 -20.87
CA LYS C 48 22.17 15.13 -21.67
C LYS C 48 23.29 16.16 -21.56
N LYS C 49 24.24 15.91 -20.66
CA LYS C 49 25.39 16.79 -20.46
C LYS C 49 26.63 16.27 -21.18
N ALA C 50 26.48 15.15 -21.89
CA ALA C 50 27.51 14.63 -22.78
C ALA C 50 27.24 15.11 -24.21
N LYS C 51 26.05 15.67 -24.43
CA LYS C 51 25.68 16.20 -25.73
C LYS C 51 26.55 17.41 -26.07
N MET C 52 27.01 18.11 -25.04
CA MET C 52 27.88 19.27 -25.23
C MET C 52 29.30 18.85 -25.61
N VAL C 53 29.82 17.83 -24.92
CA VAL C 53 31.17 17.34 -25.17
C VAL C 53 31.39 17.00 -26.65
N LEU C 54 30.43 16.30 -27.24
CA LEU C 54 30.52 15.89 -28.65
C LEU C 54 30.26 17.05 -29.63
N HIS C 55 29.32 17.92 -29.27
CA HIS C 55 28.98 19.09 -30.09
C HIS C 55 30.16 20.01 -30.26
N LYS C 56 30.92 20.20 -29.18
CA LYS C 56 32.04 21.13 -29.16
C LYS C 56 33.29 20.59 -29.86
N THR C 57 33.65 19.35 -29.56
CA THR C 57 34.85 18.73 -30.13
C THR C 57 34.62 18.27 -31.57
N ALA C 58 35.50 18.73 -32.46
CA ALA C 58 35.42 18.40 -33.88
C ALA C 58 36.15 17.10 -34.17
N GLN C 59 35.59 16.00 -33.69
CA GLN C 59 36.09 14.66 -33.96
C GLN C 59 34.90 13.73 -34.25
N PRO C 60 34.98 12.94 -35.35
CA PRO C 60 33.91 11.99 -35.69
C PRO C 60 33.64 10.94 -34.61
N SER C 61 34.66 10.58 -33.83
CA SER C 61 34.51 9.60 -32.75
C SER C 61 35.42 9.89 -31.55
N VAL C 62 34.80 10.06 -30.38
CA VAL C 62 35.51 10.37 -29.13
C VAL C 62 35.36 9.22 -28.14
N ASP C 63 36.45 8.88 -27.46
CA ASP C 63 36.46 7.81 -26.46
C ASP C 63 36.03 8.32 -25.09
N LEU C 64 34.72 8.33 -24.85
CA LEU C 64 34.16 8.85 -23.60
C LEU C 64 34.38 7.91 -22.40
N THR C 65 34.31 8.48 -21.19
CA THR C 65 34.54 7.72 -19.96
C THR C 65 33.41 7.92 -18.94
N PHE C 66 32.80 6.82 -18.51
CA PHE C 66 31.69 6.84 -17.57
C PHE C 66 31.94 5.94 -16.35
N GLY C 67 32.96 6.27 -15.58
CA GLY C 67 33.32 5.52 -14.38
C GLY C 67 34.00 4.20 -14.69
N GLY C 68 35.20 4.29 -15.25
CA GLY C 68 35.95 3.10 -15.65
C GLY C 68 35.89 2.93 -17.15
N VAL C 69 34.89 2.22 -17.65
CA VAL C 69 34.68 2.16 -19.08
C VAL C 69 34.22 3.57 -19.44
N LYS C 70 34.67 4.13 -20.56
CA LYS C 70 35.51 3.50 -21.64
C LYS C 70 34.99 3.13 -23.04
N PHE C 71 33.82 3.68 -23.39
CA PHE C 71 33.22 3.66 -24.75
C PHE C 71 33.65 4.75 -25.77
N THR C 72 33.67 4.38 -27.05
CA THR C 72 34.00 5.31 -28.13
C THR C 72 32.75 5.77 -28.89
N VAL C 73 32.15 6.85 -28.38
CA VAL C 73 30.91 7.41 -28.95
C VAL C 73 31.15 8.00 -30.33
N VAL C 74 30.33 7.58 -31.30
CA VAL C 74 30.35 8.14 -32.64
C VAL C 74 29.51 9.42 -32.65
N ASN C 75 30.03 10.45 -33.32
CA ASN C 75 29.51 11.82 -33.20
C ASN C 75 28.60 12.27 -34.34
N ASN C 76 27.35 12.57 -33.99
CA ASN C 76 26.41 13.25 -34.88
C ASN C 76 25.83 14.50 -34.21
N HIS C 77 26.27 14.75 -32.98
CA HIS C 77 25.86 15.91 -32.20
C HIS C 77 26.40 17.19 -32.79
N PHE C 78 27.51 17.07 -33.50
CA PHE C 78 28.12 18.17 -34.24
C PHE C 78 27.19 18.59 -35.38
N PRO C 79 26.91 19.91 -35.49
CA PRO C 79 25.95 20.46 -36.46
C PRO C 79 26.30 20.23 -37.94
N GLN C 80 27.54 19.83 -38.23
CA GLN C 80 27.96 19.54 -39.59
C GLN C 80 28.01 18.02 -39.87
N TYR C 81 27.73 17.23 -38.84
CA TYR C 81 27.70 15.77 -38.94
C TYR C 81 26.28 15.20 -39.07
N VAL C 82 25.31 16.10 -39.24
CA VAL C 82 23.92 15.70 -39.50
C VAL C 82 23.80 15.05 -40.89
N SER C 83 24.70 15.46 -41.79
CA SER C 83 24.81 14.91 -43.14
C SER C 83 25.42 13.49 -43.16
N ASN C 84 26.05 13.10 -42.06
CA ASN C 84 26.62 11.76 -41.94
C ASN C 84 25.56 10.69 -41.69
N PRO C 85 25.60 9.59 -42.49
CA PRO C 85 24.81 8.42 -42.15
C PRO C 85 25.58 7.52 -41.18
N VAL C 86 24.94 7.15 -40.07
CA VAL C 86 25.59 6.33 -39.05
C VAL C 86 25.66 4.88 -39.51
N PRO C 87 26.82 4.24 -39.31
CA PRO C 87 26.93 2.81 -39.56
C PRO C 87 26.01 2.04 -38.64
N ASP C 88 26.14 0.72 -38.60
CA ASP C 88 25.32 -0.12 -37.73
C ASP C 88 26.03 -0.60 -36.47
N ASN C 89 27.26 -1.08 -36.61
CA ASN C 89 28.07 -1.47 -35.46
C ASN C 89 28.60 -0.28 -34.68
N ALA C 90 28.39 0.91 -35.23
CA ALA C 90 28.67 2.17 -34.54
C ALA C 90 27.67 2.38 -33.40
N ILE C 91 28.03 3.22 -32.44
CA ILE C 91 27.20 3.47 -31.28
C ILE C 91 27.11 4.94 -30.93
N THR C 92 25.92 5.50 -31.11
CA THR C 92 25.66 6.90 -30.75
C THR C 92 25.21 6.98 -29.31
N LEU C 93 25.13 8.19 -28.77
CA LEU C 93 24.71 8.37 -27.39
C LEU C 93 23.30 7.83 -27.21
N HIS C 94 22.46 8.08 -28.19
CA HIS C 94 21.08 7.58 -28.17
C HIS C 94 21.07 6.07 -28.16
N ARG C 95 21.93 5.48 -28.97
CA ARG C 95 22.02 4.02 -29.03
C ARG C 95 22.53 3.42 -27.72
N MET C 96 23.65 3.96 -27.22
CA MET C 96 24.25 3.50 -25.96
C MET C 96 23.25 3.53 -24.82
N SER C 97 22.65 4.70 -24.59
CA SER C 97 21.57 4.86 -23.61
C SER C 97 20.59 3.70 -23.71
N GLY C 98 19.95 3.57 -24.88
CA GLY C 98 19.01 2.50 -25.16
C GLY C 98 19.56 1.12 -24.83
N TYR C 99 20.78 0.85 -25.28
CA TYR C 99 21.44 -0.44 -25.03
C TYR C 99 21.62 -0.70 -23.53
N LEU C 100 22.15 0.31 -22.82
CA LEU C 100 22.34 0.22 -21.38
C LEU C 100 21.00 0.04 -20.68
N ALA C 101 19.99 0.75 -21.18
CA ALA C 101 18.63 0.66 -20.66
C ALA C 101 18.10 -0.76 -20.79
N ARG C 102 18.51 -1.46 -21.84
CA ARG C 102 18.08 -2.84 -22.02
C ARG C 102 18.85 -3.77 -21.09
N TRP C 103 20.17 -3.66 -21.10
CA TRP C 103 21.04 -4.50 -20.25
C TRP C 103 20.62 -4.51 -18.80
N ILE C 104 20.31 -3.35 -18.25
CA ILE C 104 19.85 -3.24 -16.86
C ILE C 104 18.58 -4.06 -16.65
N ALA C 105 17.50 -3.68 -17.34
CA ALA C 105 16.25 -4.44 -17.31
C ALA C 105 16.52 -5.93 -17.55
N ASP C 106 17.24 -6.23 -18.63
CA ASP C 106 17.68 -7.58 -18.96
C ASP C 106 18.26 -8.29 -17.72
N THR C 107 19.15 -7.62 -17.01
CA THR C 107 19.84 -8.22 -15.87
C THR C 107 18.99 -8.37 -14.60
N CYS C 108 17.98 -7.52 -14.45
CA CYS C 108 17.06 -7.68 -13.32
C CYS C 108 15.77 -8.46 -13.68
N LYS C 109 15.64 -8.82 -14.95
CA LYS C 109 14.62 -9.79 -15.38
C LYS C 109 15.01 -11.13 -14.79
N ALA C 110 16.31 -11.43 -14.83
CA ALA C 110 16.86 -12.58 -14.13
C ALA C 110 17.12 -12.23 -12.68
N SER C 111 16.54 -13.02 -11.78
CA SER C 111 16.76 -13.01 -10.28
C SER C 111 16.07 -12.35 -9.07
N VAL C 112 15.45 -11.18 -9.23
CA VAL C 112 14.74 -10.37 -8.22
C VAL C 112 15.80 -9.86 -7.31
N LEU C 113 16.66 -10.75 -6.83
CA LEU C 113 17.76 -10.38 -5.93
C LEU C 113 18.70 -9.34 -6.55
N LYS C 114 18.71 -9.27 -7.87
CA LYS C 114 19.54 -8.30 -8.59
C LYS C 114 18.77 -7.04 -8.98
N LEU C 115 17.45 -7.07 -8.83
CA LEU C 115 16.62 -5.90 -9.11
C LEU C 115 16.80 -4.78 -8.08
N ALA C 116 16.75 -5.15 -6.80
CA ALA C 116 16.94 -4.19 -5.69
C ALA C 116 18.29 -3.48 -5.75
N GLU C 117 19.29 -4.15 -6.32
CA GLU C 117 20.60 -3.55 -6.55
C GLU C 117 20.44 -2.28 -7.39
N ALA C 118 19.68 -2.38 -8.48
CA ALA C 118 19.42 -1.23 -9.35
C ALA C 118 18.71 -0.08 -8.64
N SER C 119 17.76 -0.42 -7.75
CA SER C 119 16.95 0.57 -7.03
C SER C 119 17.80 1.66 -6.38
N ALA C 120 18.88 1.25 -5.72
CA ALA C 120 19.82 2.20 -5.14
C ALA C 120 20.72 2.82 -6.20
N GLN C 121 21.64 2.02 -6.74
CA GLN C 121 22.78 2.51 -7.55
C GLN C 121 22.45 3.34 -8.79
N ILE C 122 21.24 3.19 -9.33
CA ILE C 122 20.87 3.90 -10.55
C ILE C 122 19.71 4.86 -10.36
N VAL C 123 19.68 5.93 -11.15
CA VAL C 123 18.59 6.90 -11.12
C VAL C 123 18.32 7.48 -12.52
N MET C 124 17.05 7.52 -12.91
CA MET C 124 16.67 8.05 -14.21
C MET C 124 16.17 9.49 -14.09
N PRO C 125 16.80 10.40 -14.84
CA PRO C 125 16.40 11.81 -14.80
C PRO C 125 15.03 12.04 -15.44
N LEU C 126 14.74 11.34 -16.53
CA LEU C 126 13.51 11.58 -17.30
C LEU C 126 12.26 11.07 -16.59
N ALA C 127 12.38 9.92 -15.92
CA ALA C 127 11.23 9.29 -15.26
C ALA C 127 10.86 9.96 -13.95
N GLU C 128 11.88 10.46 -13.24
CA GLU C 128 11.70 11.07 -11.94
C GLU C 128 10.88 12.37 -12.01
N VAL C 129 11.12 13.14 -13.06
CA VAL C 129 10.44 14.42 -13.26
C VAL C 129 8.94 14.22 -13.47
N LYS C 130 8.57 13.34 -14.39
CA LYS C 130 7.16 13.10 -14.70
C LYS C 130 6.45 12.34 -13.58
N GLY C 131 7.23 11.83 -12.63
CA GLY C 131 6.66 11.24 -11.43
C GLY C 131 6.50 9.73 -11.50
N CYS C 132 7.46 9.06 -12.13
CA CYS C 132 7.42 7.59 -12.21
C CYS C 132 7.93 6.85 -10.97
N THR C 133 9.25 6.77 -10.80
CA THR C 133 9.86 6.05 -9.68
C THR C 133 9.87 4.53 -9.91
N TRP C 134 10.79 3.84 -9.24
CA TRP C 134 10.90 2.39 -9.36
C TRP C 134 9.66 1.68 -8.89
N ALA C 135 9.00 2.26 -7.89
CA ALA C 135 7.81 1.67 -7.31
C ALA C 135 6.80 1.25 -8.40
N ASP C 136 6.71 2.07 -9.45
CA ASP C 136 5.77 1.85 -10.55
C ASP C 136 6.26 0.83 -11.58
N GLY C 137 7.39 0.18 -11.30
CA GLY C 137 7.91 -0.86 -12.18
C GLY C 137 9.13 -0.43 -12.98
N TYR C 138 10.13 -1.31 -13.02
CA TYR C 138 11.38 -1.04 -13.73
C TYR C 138 11.16 -1.01 -15.25
N THR C 139 10.11 -1.67 -15.70
CA THR C 139 9.76 -1.67 -17.12
C THR C 139 9.30 -0.28 -17.52
N MET C 140 8.53 0.36 -16.63
CA MET C 140 8.08 1.72 -16.85
C MET C 140 9.26 2.68 -16.71
N TYR C 141 9.92 2.62 -15.56
CA TYR C 141 10.96 3.55 -15.15
C TYR C 141 12.15 3.62 -16.10
N LEU C 142 12.79 2.48 -16.34
CA LEU C 142 13.89 2.40 -17.31
C LEU C 142 13.40 2.73 -18.73
N GLY C 143 12.08 2.67 -18.92
CA GLY C 143 11.45 2.95 -20.21
C GLY C 143 11.18 4.42 -20.45
N PHE C 144 11.93 5.29 -19.78
CA PHE C 144 11.93 6.71 -20.10
C PHE C 144 13.23 7.06 -20.82
N ALA C 145 14.17 6.11 -20.78
CA ALA C 145 15.49 6.27 -21.38
C ALA C 145 15.43 6.50 -22.88
N PRO C 146 16.30 7.38 -23.41
CA PRO C 146 16.40 7.58 -24.85
C PRO C 146 16.96 6.35 -25.56
N GLY C 147 16.23 5.86 -26.56
CA GLY C 147 16.62 4.66 -27.30
C GLY C 147 15.95 3.40 -26.80
N ALA C 148 15.13 3.53 -25.76
CA ALA C 148 14.42 2.38 -25.21
C ALA C 148 13.38 1.86 -26.18
N GLU C 149 12.92 2.75 -27.07
CA GLU C 149 11.95 2.39 -28.10
C GLU C 149 12.49 1.24 -28.95
N MET C 150 13.80 1.17 -29.13
CA MET C 150 14.42 0.11 -29.90
C MET C 150 14.07 -1.27 -29.33
N PHE C 151 13.59 -1.28 -28.09
CA PHE C 151 13.28 -2.53 -27.40
C PHE C 151 11.97 -2.41 -26.60
N LEU C 152 10.87 -2.31 -27.31
CA LEU C 152 9.55 -2.25 -26.68
C LEU C 152 9.15 -3.64 -26.21
N ASP C 153 9.62 -4.65 -26.93
CA ASP C 153 9.37 -6.03 -26.57
C ASP C 153 9.92 -6.35 -25.18
N ALA C 154 10.89 -5.58 -24.75
CA ALA C 154 11.51 -5.76 -23.43
C ALA C 154 10.99 -4.74 -22.41
N PHE C 155 10.58 -3.57 -22.90
CA PHE C 155 10.03 -2.52 -22.04
C PHE C 155 8.51 -2.46 -22.12
N ASP C 156 7.87 -3.56 -22.49
CA ASP C 156 6.41 -3.65 -22.54
C ASP C 156 5.76 -2.37 -23.07
N PHE C 157 6.26 -1.88 -24.20
CA PHE C 157 5.65 -0.73 -24.88
C PHE C 157 5.59 0.57 -24.09
N TYR C 158 6.38 0.67 -23.01
CA TYR C 158 6.44 1.90 -22.21
C TYR C 158 7.09 3.11 -22.93
N PRO C 159 8.21 2.91 -23.66
CA PRO C 159 8.80 4.02 -24.43
C PRO C 159 7.85 4.59 -25.50
N LEU C 160 7.05 3.72 -26.10
CA LEU C 160 6.04 4.12 -27.09
C LEU C 160 4.92 4.92 -26.41
N VAL C 161 4.58 4.52 -25.19
CA VAL C 161 3.49 5.15 -24.45
C VAL C 161 3.87 6.54 -23.95
N ILE C 162 4.98 6.63 -23.22
CA ILE C 162 5.42 7.91 -22.67
C ILE C 162 5.43 8.99 -23.76
N GLU C 163 6.06 8.65 -24.89
CA GLU C 163 6.15 9.53 -26.05
C GLU C 163 4.76 9.98 -26.49
N MET C 164 3.80 9.05 -26.43
CA MET C 164 2.41 9.30 -26.77
C MET C 164 1.71 10.17 -25.71
N HIS C 165 2.22 10.13 -24.48
CA HIS C 165 1.67 10.92 -23.39
C HIS C 165 2.17 12.33 -23.41
N ARG C 166 3.49 12.48 -23.50
CA ARG C 166 4.11 13.81 -23.51
C ARG C 166 3.72 14.63 -24.75
N VAL C 167 2.93 14.03 -25.63
CA VAL C 167 2.36 14.72 -26.79
C VAL C 167 0.85 14.93 -26.62
N LEU C 168 0.24 14.13 -25.75
CA LEU C 168 -1.20 14.22 -25.49
C LEU C 168 -1.54 15.33 -24.50
N LYS C 169 -1.41 15.03 -23.20
CA LYS C 169 -1.72 15.98 -22.15
C LYS C 169 -0.31 16.38 -21.88
N ASP C 170 -0.03 17.68 -22.05
CA ASP C 170 1.29 18.30 -22.09
C ASP C 170 1.05 18.83 -23.58
N ASN C 171 2.08 19.18 -24.34
CA ASN C 171 2.11 19.24 -25.80
C ASN C 171 3.53 19.06 -26.39
N MET C 172 3.61 18.27 -27.45
CA MET C 172 4.83 18.07 -28.24
C MET C 172 4.48 18.02 -29.72
N ASP C 173 5.52 17.92 -30.56
CA ASP C 173 5.33 17.65 -31.98
C ASP C 173 5.09 16.16 -32.19
N VAL C 174 4.08 15.83 -32.99
CA VAL C 174 3.78 14.44 -33.31
C VAL C 174 4.83 13.89 -34.26
N ASN C 175 5.74 14.74 -34.69
CA ASN C 175 6.82 14.37 -35.60
C ASN C 175 7.92 13.56 -34.93
N PHE C 176 8.08 13.73 -33.61
CA PHE C 176 9.00 12.92 -32.83
C PHE C 176 8.44 11.50 -32.64
N MET C 177 7.11 11.43 -32.61
CA MET C 177 6.36 10.18 -32.53
C MET C 177 6.64 9.27 -33.73
N LYS C 178 7.07 9.86 -34.84
CA LYS C 178 7.34 9.16 -36.09
C LYS C 178 8.42 8.08 -35.93
N LYS C 179 9.49 8.43 -35.21
CA LYS C 179 10.62 7.53 -35.02
C LYS C 179 10.28 6.33 -34.12
N VAL C 180 9.32 6.52 -33.22
CA VAL C 180 8.87 5.48 -32.31
C VAL C 180 7.99 4.45 -33.03
N LEU C 181 7.03 4.94 -33.82
CA LEU C 181 6.20 4.08 -34.64
C LEU C 181 6.96 3.67 -35.90
N ARG C 182 7.93 2.77 -35.70
CA ARG C 182 8.68 2.13 -36.77
C ARG C 182 9.25 0.81 -36.27
N GLN C 183 9.64 0.78 -35.00
CA GLN C 183 10.19 -0.42 -34.39
C GLN C 183 9.23 -1.60 -34.51
N ARG C 184 9.77 -2.75 -34.88
CA ARG C 184 8.96 -3.97 -35.03
C ARG C 184 8.99 -4.80 -33.76
N TYR C 185 7.85 -4.88 -33.08
CA TYR C 185 7.73 -5.65 -31.85
C TYR C 185 8.48 -6.98 -31.95
N GLY C 186 8.50 -7.53 -33.14
CA GLY C 186 9.11 -8.80 -33.43
C GLY C 186 8.54 -8.53 -34.79
N THR C 187 8.33 -9.57 -35.55
CA THR C 187 7.83 -9.52 -36.90
C THR C 187 6.32 -9.21 -37.16
N MET C 188 5.90 -9.32 -38.43
CA MET C 188 4.51 -9.09 -38.81
C MET C 188 3.69 -8.25 -37.83
N THR C 189 4.20 -7.07 -37.45
CA THR C 189 5.50 -6.61 -37.94
C THR C 189 5.78 -5.25 -37.34
N ALA C 190 5.73 -4.21 -38.17
CA ALA C 190 5.83 -2.84 -37.70
C ALA C 190 4.73 -2.56 -36.69
N GLU C 191 3.83 -3.51 -36.51
CA GLU C 191 2.74 -3.38 -35.57
C GLU C 191 2.13 -4.70 -35.11
N GLU C 192 2.17 -4.89 -33.78
CA GLU C 192 2.26 -3.75 -32.88
C GLU C 192 1.28 -2.64 -33.04
N TRP C 193 0.26 -2.90 -33.83
CA TRP C 193 -0.77 -1.91 -34.10
C TRP C 193 -2.12 -2.39 -33.71
N MET C 194 -2.24 -3.70 -33.54
CA MET C 194 -3.50 -4.32 -33.17
C MET C 194 -3.27 -5.61 -32.40
N THR C 195 -3.01 -6.69 -33.13
CA THR C 195 -2.77 -8.00 -32.51
C THR C 195 -3.49 -8.10 -31.17
N GLN C 196 -2.72 -8.39 -30.14
CA GLN C 196 -3.26 -8.53 -28.77
C GLN C 196 -2.80 -7.32 -27.99
N LYS C 197 -3.73 -6.38 -27.78
CA LYS C 197 -4.98 -6.36 -28.58
C LYS C 197 -5.71 -5.08 -28.17
N ILE C 198 -5.51 -4.10 -29.07
CA ILE C 198 -4.24 -3.99 -29.79
C ILE C 198 -2.95 -3.77 -29.08
N THR C 199 -2.15 -4.82 -28.97
CA THR C 199 -0.83 -4.78 -28.32
C THR C 199 -0.45 -4.28 -26.91
N GLU C 200 -1.02 -4.89 -25.88
CA GLU C 200 -0.71 -4.52 -24.50
C GLU C 200 -0.82 -3.02 -24.28
N ILE C 201 -0.66 -2.27 -25.36
CA ILE C 201 -0.85 -0.82 -25.31
C ILE C 201 -2.12 -0.58 -24.52
N LYS C 202 -2.46 0.68 -24.31
CA LYS C 202 -3.66 0.99 -23.55
C LYS C 202 -3.42 0.62 -22.09
N ALA C 203 -3.14 -0.66 -21.85
CA ALA C 203 -2.75 -1.09 -20.52
C ALA C 203 -1.48 -0.36 -20.10
N ALA C 204 -0.49 -0.35 -20.97
CA ALA C 204 0.75 0.40 -20.73
C ALA C 204 0.50 1.92 -20.82
N PHE C 205 -0.47 2.30 -21.66
CA PHE C 205 -0.88 3.69 -21.80
C PHE C 205 -1.45 4.23 -20.50
N ASN C 206 -2.68 3.84 -20.17
CA ASN C 206 -3.37 4.44 -19.03
C ASN C 206 -2.78 4.09 -17.66
N SER C 207 -1.79 3.21 -17.64
CA SER C 207 -1.05 2.91 -16.40
C SER C 207 -0.15 4.08 -16.02
N VAL C 208 0.53 4.68 -17.02
CA VAL C 208 1.24 5.94 -16.79
C VAL C 208 0.25 7.10 -16.77
N GLY C 209 -1.02 6.78 -17.01
CA GLY C 209 -2.12 7.71 -16.75
C GLY C 209 -2.41 7.74 -15.27
N GLN C 210 -2.34 6.57 -14.63
CA GLN C 210 -2.55 6.42 -13.18
C GLN C 210 -1.55 7.12 -12.27
N LEU C 211 -0.33 7.28 -12.76
CA LEU C 211 0.68 8.09 -12.10
C LEU C 211 0.58 9.51 -12.67
N ALA C 212 0.32 10.47 -11.80
CA ALA C 212 0.09 11.86 -12.19
C ALA C 212 1.36 12.58 -12.71
N TRP C 213 1.15 13.65 -13.48
CA TRP C 213 2.23 14.47 -14.04
C TRP C 213 3.05 15.14 -12.97
N ALA C 214 2.43 15.35 -11.81
CA ALA C 214 3.00 16.10 -10.68
C ALA C 214 4.53 16.20 -10.70
N LYS C 215 5.02 17.30 -11.26
CA LYS C 215 6.46 17.55 -11.36
C LYS C 215 7.10 17.49 -9.98
N SER C 216 8.20 16.75 -9.88
CA SER C 216 8.88 16.49 -8.61
C SER C 216 9.92 17.54 -8.28
N GLY C 217 10.62 17.35 -7.17
CA GLY C 217 11.56 18.33 -6.65
C GLY C 217 10.94 18.70 -5.33
N PHE C 218 11.15 19.96 -4.92
CA PHE C 218 10.61 20.55 -3.68
C PHE C 218 10.94 19.88 -2.32
N SER C 219 10.14 20.21 -1.30
CA SER C 219 10.11 19.52 -0.01
C SER C 219 8.86 20.00 0.72
N PRO C 220 7.86 19.12 0.88
CA PRO C 220 6.56 19.53 1.37
C PRO C 220 6.65 20.33 2.67
N ALA C 221 6.16 21.57 2.70
CA ALA C 221 5.59 22.29 1.58
C ALA C 221 4.21 22.68 2.15
N ALA C 222 3.80 23.92 1.85
CA ALA C 222 2.46 24.42 2.10
C ALA C 222 1.91 25.18 0.89
N ARG C 223 2.33 26.45 0.77
CA ARG C 223 1.90 27.38 -0.27
C ARG C 223 0.43 27.21 -0.62
N THR C 224 -0.42 28.20 -0.32
CA THR C 224 -0.15 29.46 0.34
C THR C 224 -0.24 30.56 -0.75
N PHE C 225 0.46 31.66 -0.63
CA PHE C 225 0.40 32.80 -1.52
C PHE C 225 0.09 32.67 -3.01
N LEU C 226 0.61 31.59 -3.58
CA LEU C 226 0.43 31.27 -5.00
C LEU C 226 1.17 29.99 -5.42
N GLN C 227 0.57 29.24 -6.34
CA GLN C 227 1.16 28.01 -6.89
C GLN C 227 0.95 26.74 -6.05
N GLN C 228 1.27 25.61 -6.66
CA GLN C 228 1.13 24.28 -6.06
C GLN C 228 2.12 24.04 -4.91
#